data_2KX5
#
_entry.id   2KX5
#
loop_
_entity.id
_entity.type
_entity.pdbx_description
1 polymer 'HIV TAR RNA'
2 polymer 'Cyclic peptide mimetic of Tat protein'
#
loop_
_entity_poly.entity_id
_entity_poly.type
_entity_poly.pdbx_seq_one_letter_code
_entity_poly.pdbx_strand_id
1 'polyribonucleotide' GGCAGAUCUGAGCCUGGGAGCUCUCUGCC A
2 'polypeptide(L)' RVRCRQRKGRRICIRI(DPR)P B
#
# COMPACT_ATOMS: atom_id res chain seq x y z
N ARG B 1 8.63 6.77 -2.44
CA ARG B 1 7.28 6.92 -1.90
C ARG B 1 6.80 5.59 -1.31
N VAL B 2 5.49 5.49 -1.08
CA VAL B 2 4.91 4.27 -0.51
C VAL B 2 4.20 3.44 -1.57
N ARG B 3 4.39 2.12 -1.52
CA ARG B 3 3.75 1.22 -2.48
C ARG B 3 2.47 0.65 -1.87
N CYS B 4 1.32 0.95 -2.47
CA CYS B 4 0.04 0.49 -1.92
C CYS B 4 -0.49 -0.81 -2.55
N ARG B 5 -1.27 -1.51 -1.74
CA ARG B 5 -1.89 -2.75 -2.15
C ARG B 5 -3.27 -2.89 -1.52
N GLN B 6 -4.23 -3.41 -2.27
CA GLN B 6 -5.58 -3.57 -1.76
C GLN B 6 -5.68 -4.77 -0.82
N ARG B 7 -5.77 -4.48 0.48
CA ARG B 7 -5.87 -5.54 1.48
C ARG B 7 -6.90 -5.16 2.53
N LYS B 8 -7.78 -6.10 2.86
CA LYS B 8 -8.81 -5.86 3.88
C LYS B 8 -9.67 -4.66 3.51
N GLY B 9 -10.19 -4.66 2.28
CA GLY B 9 -11.04 -3.57 1.81
C GLY B 9 -10.27 -2.25 1.76
N ARG B 10 -9.17 -2.18 2.50
CA ARG B 10 -8.36 -0.96 2.52
C ARG B 10 -7.04 -1.20 1.79
N ARG B 11 -6.41 -0.11 1.37
CA ARG B 11 -5.15 -0.20 0.65
C ARG B 11 -3.96 -0.05 1.61
N ILE B 12 -3.19 -1.12 1.75
CA ILE B 12 -2.01 -1.09 2.61
C ILE B 12 -0.79 -0.64 1.80
N CYS B 13 0.01 0.25 2.38
CA CYS B 13 1.16 0.79 1.66
C CYS B 13 2.48 0.34 2.29
N ILE B 14 3.52 0.31 1.47
CA ILE B 14 4.84 -0.10 1.93
C ILE B 14 5.87 0.98 1.61
N ARG B 15 6.50 1.52 2.64
CA ARG B 15 7.51 2.56 2.44
C ARG B 15 8.55 2.12 1.42
N ILE B 16 8.69 2.91 0.36
CA ILE B 16 9.66 2.61 -0.69
C ILE B 16 10.39 3.88 -1.12
N PRO B 18 11.41 6.57 -2.70
CA PRO B 18 10.65 7.53 -3.56
C PRO B 18 9.25 7.80 -3.01
N ARG B 1 9.54 5.59 -2.08
CA ARG B 1 8.30 5.97 -1.39
C ARG B 1 7.60 4.73 -0.83
N VAL B 2 6.29 4.81 -0.66
CA VAL B 2 5.52 3.70 -0.12
C VAL B 2 4.75 2.96 -1.22
N ARG B 3 4.81 1.63 -1.20
CA ARG B 3 4.10 0.82 -2.19
C ARG B 3 2.78 0.33 -1.59
N CYS B 4 1.66 0.67 -2.24
CA CYS B 4 0.35 0.28 -1.71
C CYS B 4 -0.22 -0.98 -2.34
N ARG B 5 -1.03 -1.67 -1.55
CA ARG B 5 -1.69 -2.90 -1.99
C ARG B 5 -3.10 -2.96 -1.42
N GLN B 6 -4.06 -3.35 -2.25
CA GLN B 6 -5.44 -3.45 -1.79
C GLN B 6 -5.62 -4.63 -0.84
N ARG B 7 -5.96 -4.33 0.40
CA ARG B 7 -6.16 -5.37 1.41
C ARG B 7 -7.28 -4.99 2.36
N LYS B 8 -7.92 -6.00 2.95
CA LYS B 8 -9.00 -5.75 3.89
C LYS B 8 -9.79 -4.50 3.51
N GLY B 9 -10.11 -4.38 2.22
CA GLY B 9 -10.87 -3.23 1.74
C GLY B 9 -10.02 -1.96 1.73
N ARG B 10 -8.96 -1.95 2.52
CA ARG B 10 -8.07 -0.79 2.58
C ARG B 10 -6.75 -1.09 1.91
N ARG B 11 -6.12 -0.05 1.35
CA ARG B 11 -4.85 -0.22 0.67
C ARG B 11 -3.69 -0.13 1.66
N ILE B 12 -2.99 -1.25 1.85
CA ILE B 12 -1.85 -1.28 2.74
C ILE B 12 -0.58 -0.90 1.97
N CYS B 13 0.23 -0.01 2.55
CA CYS B 13 1.43 0.45 1.87
C CYS B 13 2.70 -0.01 2.58
N ILE B 14 3.78 -0.16 1.81
CA ILE B 14 5.05 -0.59 2.36
C ILE B 14 6.15 0.41 1.99
N ARG B 15 6.83 0.94 2.99
CA ARG B 15 7.90 1.91 2.76
C ARG B 15 9.01 1.29 1.93
N ILE B 16 9.46 2.02 0.92
CA ILE B 16 10.53 1.55 0.04
C ILE B 16 11.28 2.73 -0.57
N PRO B 18 12.29 5.09 -2.55
CA PRO B 18 11.52 5.99 -3.45
C PRO B 18 10.24 6.49 -2.78
N ARG B 1 8.79 5.67 -2.96
CA ARG B 1 7.36 5.79 -2.75
C ARG B 1 6.79 4.52 -2.10
N VAL B 2 5.50 4.53 -1.79
CA VAL B 2 4.86 3.38 -1.15
C VAL B 2 3.98 2.62 -2.15
N ARG B 3 4.03 1.29 -2.10
CA ARG B 3 3.22 0.46 -2.99
C ARG B 3 1.94 0.03 -2.27
N CYS B 4 0.79 0.42 -2.81
CA CYS B 4 -0.48 0.08 -2.16
C CYS B 4 -1.14 -1.16 -2.75
N ARG B 5 -1.89 -1.84 -1.88
CA ARG B 5 -2.61 -3.06 -2.27
C ARG B 5 -3.94 -3.14 -1.53
N GLN B 6 -4.99 -3.51 -2.23
CA GLN B 6 -6.31 -3.63 -1.61
C GLN B 6 -6.36 -4.84 -0.69
N ARG B 7 -6.25 -4.59 0.61
CA ARG B 7 -6.29 -5.67 1.60
C ARG B 7 -7.20 -5.29 2.77
N LYS B 8 -8.11 -6.19 3.11
CA LYS B 8 -9.02 -5.95 4.22
C LYS B 8 -9.87 -4.71 3.97
N GLY B 9 -10.56 -4.68 2.84
CA GLY B 9 -11.43 -3.55 2.50
C GLY B 9 -10.63 -2.26 2.35
N ARG B 10 -9.44 -2.23 2.94
CA ARG B 10 -8.60 -1.04 2.85
C ARG B 10 -7.35 -1.32 2.03
N ARG B 11 -6.73 -0.27 1.52
CA ARG B 11 -5.53 -0.42 0.72
C ARG B 11 -4.27 -0.30 1.58
N ILE B 12 -3.55 -1.40 1.72
CA ILE B 12 -2.32 -1.41 2.51
C ILE B 12 -1.13 -1.08 1.60
N CYS B 13 -0.22 -0.23 2.10
CA CYS B 13 0.92 0.17 1.31
C CYS B 13 2.24 -0.33 1.90
N ILE B 14 3.23 -0.54 1.04
CA ILE B 14 4.54 -1.00 1.48
C ILE B 14 5.62 -0.07 0.94
N ARG B 15 6.46 0.44 1.84
CA ARG B 15 7.54 1.33 1.45
C ARG B 15 8.37 0.73 0.33
N ILE B 16 8.33 1.36 -0.84
CA ILE B 16 9.10 0.90 -1.99
C ILE B 16 9.91 2.05 -2.60
N PRO B 18 11.43 5.27 -3.59
CA PRO B 18 11.03 6.67 -3.30
C PRO B 18 9.53 6.78 -3.05
N ARG B 1 7.82 6.83 -2.92
CA ARG B 1 6.52 6.98 -2.29
C ARG B 1 6.07 5.67 -1.64
N VAL B 2 4.78 5.54 -1.38
CA VAL B 2 4.23 4.34 -0.76
C VAL B 2 3.54 3.44 -1.79
N ARG B 3 3.78 2.14 -1.70
CA ARG B 3 3.15 1.18 -2.61
C ARG B 3 1.91 0.59 -1.96
N CYS B 4 0.74 0.86 -2.53
CA CYS B 4 -0.51 0.38 -1.95
C CYS B 4 -1.11 -0.86 -2.61
N ARG B 5 -1.81 -1.63 -1.79
CA ARG B 5 -2.48 -2.84 -2.25
C ARG B 5 -3.85 -2.97 -1.56
N GLN B 6 -4.87 -3.30 -2.33
CA GLN B 6 -6.20 -3.47 -1.78
C GLN B 6 -6.28 -4.70 -0.89
N ARG B 7 -6.61 -4.50 0.38
CA ARG B 7 -6.70 -5.60 1.33
C ARG B 7 -7.82 -5.34 2.35
N LYS B 8 -8.76 -6.26 2.42
CA LYS B 8 -9.86 -6.13 3.37
C LYS B 8 -10.52 -4.76 3.26
N GLY B 9 -10.97 -4.41 2.05
CA GLY B 9 -11.64 -3.13 1.84
C GLY B 9 -10.68 -1.97 2.03
N ARG B 10 -9.59 -2.21 2.75
CA ARG B 10 -8.61 -1.16 3.00
C ARG B 10 -7.33 -1.41 2.20
N ARG B 11 -6.73 -0.35 1.70
CA ARG B 11 -5.53 -0.47 0.90
C ARG B 11 -4.28 -0.37 1.78
N ILE B 12 -3.47 -1.42 1.77
CA ILE B 12 -2.24 -1.42 2.56
C ILE B 12 -1.10 -0.82 1.74
N CYS B 13 -0.35 0.09 2.36
CA CYS B 13 0.73 0.77 1.64
C CYS B 13 2.10 0.37 2.19
N ILE B 14 3.09 0.36 1.31
CA ILE B 14 4.45 0.01 1.69
C ILE B 14 5.42 1.13 1.32
N ARG B 15 5.99 1.78 2.34
CA ARG B 15 6.92 2.88 2.09
C ARG B 15 8.04 2.44 1.16
N ILE B 16 8.23 3.19 0.08
CA ILE B 16 9.27 2.89 -0.89
C ILE B 16 9.85 4.18 -1.49
N PRO B 18 10.55 6.70 -3.43
CA PRO B 18 9.68 7.47 -4.35
C PRO B 18 8.31 7.76 -3.74
N ARG B 1 8.48 6.53 -3.24
CA ARG B 1 7.23 6.67 -2.50
C ARG B 1 6.79 5.33 -1.91
N VAL B 2 5.51 5.21 -1.57
CA VAL B 2 4.99 3.97 -0.98
C VAL B 2 4.19 3.17 -2.01
N ARG B 3 4.40 1.85 -2.02
CA ARG B 3 3.69 0.98 -2.95
C ARG B 3 2.46 0.38 -2.25
N CYS B 4 1.26 0.72 -2.75
CA CYS B 4 0.03 0.24 -2.12
C CYS B 4 -0.53 -1.03 -2.76
N ARG B 5 -1.21 -1.81 -1.92
CA ARG B 5 -1.82 -3.06 -2.36
C ARG B 5 -3.15 -3.26 -1.65
N GLN B 6 -4.20 -3.57 -2.42
CA GLN B 6 -5.52 -3.78 -1.83
C GLN B 6 -5.51 -4.98 -0.89
N ARG B 7 -5.89 -4.74 0.37
CA ARG B 7 -5.93 -5.81 1.36
C ARG B 7 -7.10 -5.60 2.32
N LYS B 8 -8.13 -6.40 2.16
CA LYS B 8 -9.30 -6.32 3.04
C LYS B 8 -9.92 -4.93 3.00
N GLY B 9 -10.50 -4.59 1.86
CA GLY B 9 -11.17 -3.30 1.71
C GLY B 9 -10.18 -2.14 1.87
N ARG B 10 -9.07 -2.40 2.56
CA ARG B 10 -8.05 -1.38 2.76
C ARG B 10 -6.76 -1.76 2.06
N ARG B 11 -6.12 -0.78 1.44
CA ARG B 11 -4.88 -1.03 0.71
C ARG B 11 -3.66 -0.78 1.60
N ILE B 12 -2.79 -1.78 1.68
CA ILE B 12 -1.57 -1.64 2.47
C ILE B 12 -0.44 -1.12 1.58
N CYS B 13 0.37 -0.21 2.12
CA CYS B 13 1.44 0.39 1.33
C CYS B 13 2.82 -0.02 1.85
N ILE B 14 3.80 -0.04 0.95
CA ILE B 14 5.16 -0.41 1.30
C ILE B 14 6.13 0.70 0.91
N ARG B 15 6.77 1.31 1.91
CA ARG B 15 7.71 2.38 1.65
C ARG B 15 8.77 1.95 0.64
N ILE B 16 8.94 2.75 -0.41
CA ILE B 16 9.93 2.46 -1.44
C ILE B 16 10.53 3.75 -1.99
N PRO B 18 11.25 6.38 -3.79
CA PRO B 18 10.36 7.27 -4.57
C PRO B 18 9.05 7.56 -3.84
N ARG B 1 8.70 6.81 -2.57
CA ARG B 1 7.36 6.94 -1.99
C ARG B 1 6.91 5.61 -1.38
N VAL B 2 5.62 5.48 -1.14
CA VAL B 2 5.07 4.26 -0.55
C VAL B 2 4.37 3.39 -1.61
N ARG B 3 4.58 2.08 -1.52
CA ARG B 3 3.96 1.15 -2.48
C ARG B 3 2.67 0.60 -1.88
N CYS B 4 1.53 0.98 -2.47
CA CYS B 4 0.24 0.52 -1.96
C CYS B 4 -0.26 -0.77 -2.62
N ARG B 5 -0.98 -1.55 -1.83
CA ARG B 5 -1.53 -2.83 -2.30
C ARG B 5 -2.91 -3.04 -1.70
N GLN B 6 -3.87 -3.44 -2.53
CA GLN B 6 -5.23 -3.67 -2.06
C GLN B 6 -5.27 -4.85 -1.10
N ARG B 7 -5.66 -4.58 0.15
CA ARG B 7 -5.75 -5.62 1.16
C ARG B 7 -6.91 -5.35 2.10
N LYS B 8 -7.90 -6.23 2.07
CA LYS B 8 -9.06 -6.10 2.96
C LYS B 8 -9.78 -4.78 2.71
N GLY B 9 -10.30 -4.61 1.50
CA GLY B 9 -11.05 -3.41 1.16
C GLY B 9 -10.17 -2.16 1.23
N ARG B 10 -9.08 -2.25 2.00
CA ARG B 10 -8.18 -1.11 2.14
C ARG B 10 -6.81 -1.46 1.55
N ARG B 11 -6.15 -0.46 0.98
CA ARG B 11 -4.85 -0.68 0.36
C ARG B 11 -3.73 -0.39 1.35
N ILE B 12 -2.87 -1.39 1.57
CA ILE B 12 -1.74 -1.22 2.48
C ILE B 12 -0.53 -0.70 1.69
N CYS B 13 0.21 0.24 2.29
CA CYS B 13 1.35 0.84 1.60
C CYS B 13 2.67 0.43 2.25
N ILE B 14 3.70 0.29 1.42
CA ILE B 14 5.02 -0.11 1.90
C ILE B 14 6.05 0.97 1.55
N ARG B 15 6.61 1.59 2.58
CA ARG B 15 7.60 2.64 2.37
C ARG B 15 8.66 2.20 1.36
N ILE B 16 8.83 2.99 0.31
CA ILE B 16 9.82 2.68 -0.72
C ILE B 16 10.52 3.96 -1.19
N PRO B 18 11.48 6.62 -2.87
CA PRO B 18 10.70 7.57 -3.71
C PRO B 18 9.31 7.84 -3.14
N ARG B 1 8.61 6.81 -3.78
CA ARG B 1 7.21 7.00 -3.40
C ARG B 1 6.69 5.77 -2.65
N VAL B 2 5.38 5.55 -2.70
CA VAL B 2 4.77 4.41 -2.02
C VAL B 2 3.95 3.55 -2.99
N ARG B 3 4.10 2.24 -2.88
CA ARG B 3 3.33 1.32 -3.72
C ARG B 3 2.12 0.79 -2.94
N CYS B 4 0.94 0.82 -3.56
CA CYS B 4 -0.28 0.39 -2.88
C CYS B 4 -0.78 -0.97 -3.32
N ARG B 5 -1.35 -1.68 -2.37
CA ARG B 5 -1.89 -3.01 -2.62
C ARG B 5 -3.26 -3.16 -1.95
N GLN B 6 -4.20 -3.76 -2.65
CA GLN B 6 -5.55 -3.94 -2.10
C GLN B 6 -5.53 -4.97 -0.98
N ARG B 7 -5.96 -4.55 0.20
CA ARG B 7 -6.01 -5.44 1.37
C ARG B 7 -7.23 -5.14 2.22
N LYS B 8 -7.88 -6.20 2.69
CA LYS B 8 -9.07 -6.04 3.54
C LYS B 8 -9.89 -4.84 3.09
N GLY B 9 -10.11 -4.72 1.78
CA GLY B 9 -10.91 -3.63 1.23
C GLY B 9 -10.11 -2.33 1.21
N ARG B 10 -9.07 -2.24 2.03
CA ARG B 10 -8.25 -1.05 2.08
C ARG B 10 -6.93 -1.28 1.35
N ARG B 11 -6.48 -0.27 0.61
CA ARG B 11 -5.23 -0.38 -0.13
C ARG B 11 -4.04 0.06 0.71
N ILE B 12 -3.12 -0.87 0.95
CA ILE B 12 -1.93 -0.56 1.74
C ILE B 12 -0.85 0.03 0.84
N CYS B 13 -0.27 1.15 1.25
CA CYS B 13 0.76 1.81 0.44
C CYS B 13 2.13 1.73 1.12
N ILE B 14 2.95 0.80 0.64
CA ILE B 14 4.28 0.60 1.21
C ILE B 14 5.26 1.61 0.63
N ARG B 15 5.96 2.32 1.51
CA ARG B 15 6.92 3.32 1.07
C ARG B 15 8.14 2.65 0.41
N ILE B 16 8.31 2.91 -0.88
CA ILE B 16 9.44 2.35 -1.62
C ILE B 16 10.00 3.37 -2.60
N PRO B 18 11.12 6.24 -4.81
CA PRO B 18 10.71 7.67 -4.76
C PRO B 18 9.25 7.84 -4.36
N ARG B 1 8.36 5.92 -3.84
CA ARG B 1 7.15 6.21 -3.09
C ARG B 1 6.64 4.97 -2.37
N VAL B 2 5.34 4.96 -2.05
CA VAL B 2 4.75 3.81 -1.36
C VAL B 2 3.90 2.97 -2.30
N ARG B 3 4.01 1.65 -2.18
CA ARG B 3 3.24 0.74 -3.03
C ARG B 3 1.96 0.31 -2.30
N CYS B 4 0.81 0.70 -2.84
CA CYS B 4 -0.47 0.38 -2.19
C CYS B 4 -1.14 -0.88 -2.74
N ARG B 5 -1.88 -1.52 -1.86
CA ARG B 5 -2.61 -2.75 -2.19
C ARG B 5 -3.95 -2.77 -1.46
N GLN B 6 -5.00 -3.18 -2.16
CA GLN B 6 -6.33 -3.24 -1.54
C GLN B 6 -6.44 -4.46 -0.64
N ARG B 7 -6.33 -4.23 0.67
CA ARG B 7 -6.42 -5.32 1.64
C ARG B 7 -7.26 -4.89 2.84
N LYS B 8 -8.12 -5.79 3.31
CA LYS B 8 -8.96 -5.50 4.46
C LYS B 8 -9.85 -4.29 4.18
N GLY B 9 -10.49 -4.27 3.02
CA GLY B 9 -11.37 -3.16 2.65
C GLY B 9 -10.58 -1.86 2.52
N ARG B 10 -9.36 -1.84 3.04
CA ARG B 10 -8.53 -0.64 2.96
C ARG B 10 -7.29 -0.91 2.12
N ARG B 11 -6.67 0.16 1.63
CA ARG B 11 -5.47 0.03 0.81
C ARG B 11 -4.21 0.11 1.66
N ILE B 12 -3.49 -1.00 1.76
CA ILE B 12 -2.24 -1.02 2.52
C ILE B 12 -1.08 -0.64 1.62
N CYS B 13 -0.20 0.22 2.10
CA CYS B 13 0.94 0.68 1.30
C CYS B 13 2.26 0.19 1.86
N ILE B 14 3.22 -0.01 0.97
CA ILE B 14 4.55 -0.48 1.37
C ILE B 14 5.62 0.45 0.82
N ARG B 15 6.38 1.06 1.72
CA ARG B 15 7.43 1.99 1.32
C ARG B 15 8.27 1.39 0.18
N ILE B 16 8.52 2.19 -0.85
CA ILE B 16 9.32 1.74 -1.98
C ILE B 16 10.07 2.92 -2.60
N PRO B 18 11.05 5.43 -4.50
CA PRO B 18 10.26 6.42 -5.27
C PRO B 18 9.01 6.86 -4.51
N ARG B 1 9.07 5.99 -2.85
CA ARG B 1 7.89 6.29 -2.07
C ARG B 1 7.27 5.00 -1.50
N VAL B 2 5.95 5.02 -1.27
CA VAL B 2 5.27 3.85 -0.72
C VAL B 2 4.37 3.18 -1.77
N ARG B 3 4.43 1.85 -1.83
CA ARG B 3 3.61 1.10 -2.76
C ARG B 3 2.37 0.55 -2.02
N CYS B 4 1.19 0.76 -2.60
CA CYS B 4 -0.04 0.30 -1.94
C CYS B 4 -0.61 -0.99 -2.55
N ARG B 5 -1.32 -1.73 -1.70
CA ARG B 5 -1.93 -2.98 -2.10
C ARG B 5 -3.31 -3.11 -1.45
N GLN B 6 -4.33 -3.40 -2.25
CA GLN B 6 -5.68 -3.55 -1.73
C GLN B 6 -5.77 -4.75 -0.79
N ARG B 7 -6.05 -4.49 0.48
CA ARG B 7 -6.17 -5.55 1.47
C ARG B 7 -7.25 -5.22 2.49
N LYS B 8 -8.31 -6.01 2.50
CA LYS B 8 -9.40 -5.82 3.45
C LYS B 8 -10.04 -4.45 3.27
N GLY B 9 -10.64 -4.23 2.11
CA GLY B 9 -11.34 -2.97 1.85
C GLY B 9 -10.37 -1.80 1.87
N ARG B 10 -9.24 -1.96 2.55
CA ARG B 10 -8.25 -0.90 2.64
C ARG B 10 -6.95 -1.33 1.98
N ARG B 11 -6.26 -0.38 1.36
CA ARG B 11 -5.00 -0.67 0.68
C ARG B 11 -3.82 -0.43 1.59
N ILE B 12 -3.00 -1.46 1.79
CA ILE B 12 -1.81 -1.34 2.63
C ILE B 12 -0.62 -0.88 1.79
N CYS B 13 0.19 0.02 2.32
CA CYS B 13 1.32 0.55 1.57
C CYS B 13 2.65 0.14 2.21
N ILE B 14 3.67 -0.01 1.37
CA ILE B 14 5.01 -0.38 1.84
C ILE B 14 6.05 0.59 1.29
N ARG B 15 6.90 1.09 2.17
CA ARG B 15 7.91 2.06 1.76
C ARG B 15 8.98 1.39 0.89
N ILE B 16 9.06 1.84 -0.37
CA ILE B 16 10.06 1.32 -1.29
C ILE B 16 10.43 2.38 -2.33
N PRO B 18 11.20 5.33 -4.54
CA PRO B 18 10.95 6.78 -4.29
C PRO B 18 9.70 7.02 -3.46
N ARG B 1 8.91 6.38 -2.93
CA ARG B 1 7.58 6.58 -2.36
C ARG B 1 7.08 5.30 -1.68
N VAL B 2 5.78 5.24 -1.41
CA VAL B 2 5.19 4.06 -0.76
C VAL B 2 4.47 3.18 -1.77
N ARG B 3 4.64 1.86 -1.63
CA ARG B 3 3.99 0.91 -2.53
C ARG B 3 2.67 0.44 -1.92
N CYS B 4 1.55 0.80 -2.54
CA CYS B 4 0.24 0.43 -2.01
C CYS B 4 -0.31 -0.87 -2.61
N ARG B 5 -1.08 -1.57 -1.78
CA ARG B 5 -1.70 -2.83 -2.20
C ARG B 5 -3.09 -2.94 -1.59
N GLN B 6 -4.07 -3.31 -2.40
CA GLN B 6 -5.44 -3.44 -1.91
C GLN B 6 -5.55 -4.61 -0.95
N ARG B 7 -5.96 -4.31 0.28
CA ARG B 7 -6.11 -5.34 1.31
C ARG B 7 -7.28 -5.01 2.23
N LYS B 8 -8.31 -5.84 2.19
CA LYS B 8 -9.48 -5.63 3.05
C LYS B 8 -10.10 -4.27 2.81
N GLY B 9 -10.59 -4.04 1.59
CA GLY B 9 -11.23 -2.78 1.27
C GLY B 9 -10.26 -1.60 1.39
N ARG B 10 -9.20 -1.79 2.16
CA ARG B 10 -8.22 -0.73 2.35
C ARG B 10 -6.89 -1.14 1.72
N ARG B 11 -6.21 -0.17 1.12
CA ARG B 11 -4.93 -0.43 0.47
C ARG B 11 -3.77 -0.19 1.43
N ILE B 12 -2.96 -1.22 1.65
CA ILE B 12 -1.80 -1.10 2.52
C ILE B 12 -0.58 -0.66 1.72
N CYS B 13 0.19 0.26 2.27
CA CYS B 13 1.36 0.78 1.55
C CYS B 13 2.67 0.37 2.21
N ILE B 14 3.71 0.22 1.41
CA ILE B 14 5.02 -0.17 1.91
C ILE B 14 6.07 0.86 1.50
N ARG B 15 6.66 1.52 2.49
CA ARG B 15 7.68 2.53 2.21
C ARG B 15 8.73 1.99 1.24
N ILE B 16 8.91 2.70 0.13
CA ILE B 16 9.89 2.30 -0.87
C ILE B 16 10.62 3.52 -1.42
N PRO B 18 11.67 6.08 -3.23
CA PRO B 18 10.92 7.01 -4.12
C PRO B 18 9.55 7.36 -3.55
#